data_1JO2
# 
_entry.id   1JO2 
# 
_audit_conform.dict_name       mmcif_pdbx.dic 
_audit_conform.dict_version    5.386 
_audit_conform.dict_location   http://mmcif.pdb.org/dictionaries/ascii/mmcif_pdbx.dic 
# 
loop_
_database_2.database_id 
_database_2.database_code 
_database_2.pdbx_database_accession 
_database_2.pdbx_DOI 
PDB   1JO2         pdb_00001jo2 10.2210/pdb1jo2/pdb 
NDB   DD0041       ?            ?                   
RCSB  RCSB013992   ?            ?                   
WWPDB D_1000013992 ?            ?                   
# 
loop_
_pdbx_audit_revision_history.ordinal 
_pdbx_audit_revision_history.data_content_type 
_pdbx_audit_revision_history.major_revision 
_pdbx_audit_revision_history.minor_revision 
_pdbx_audit_revision_history.revision_date 
1 'Structure model' 1 0 2003-07-29 
2 'Structure model' 1 1 2008-04-01 
3 'Structure model' 1 2 2011-07-13 
4 'Structure model' 1 3 2017-10-04 
5 'Structure model' 1 4 2024-02-07 
# 
_pdbx_audit_revision_details.ordinal             1 
_pdbx_audit_revision_details.revision_ordinal    1 
_pdbx_audit_revision_details.data_content_type   'Structure model' 
_pdbx_audit_revision_details.provider            repository 
_pdbx_audit_revision_details.type                'Initial release' 
_pdbx_audit_revision_details.description         ? 
_pdbx_audit_revision_details.details             ? 
# 
loop_
_pdbx_audit_revision_group.ordinal 
_pdbx_audit_revision_group.revision_ordinal 
_pdbx_audit_revision_group.data_content_type 
_pdbx_audit_revision_group.group 
1 2 'Structure model' 'Version format compliance' 
2 3 'Structure model' 'Version format compliance' 
3 4 'Structure model' 'Refinement description'    
4 5 'Structure model' 'Data collection'           
5 5 'Structure model' 'Database references'       
6 5 'Structure model' 'Derived calculations'      
# 
loop_
_pdbx_audit_revision_category.ordinal 
_pdbx_audit_revision_category.revision_ordinal 
_pdbx_audit_revision_category.data_content_type 
_pdbx_audit_revision_category.category 
1 4 'Structure model' software       
2 5 'Structure model' chem_comp_atom 
3 5 'Structure model' chem_comp_bond 
4 5 'Structure model' database_2     
5 5 'Structure model' struct_site    
# 
loop_
_pdbx_audit_revision_item.ordinal 
_pdbx_audit_revision_item.revision_ordinal 
_pdbx_audit_revision_item.data_content_type 
_pdbx_audit_revision_item.item 
1 5 'Structure model' '_database_2.pdbx_DOI'                
2 5 'Structure model' '_database_2.pdbx_database_accession' 
3 5 'Structure model' '_struct_site.pdbx_auth_asym_id'      
4 5 'Structure model' '_struct_site.pdbx_auth_comp_id'      
5 5 'Structure model' '_struct_site.pdbx_auth_seq_id'       
# 
_pdbx_database_status.status_code                     REL 
_pdbx_database_status.entry_id                        1JO2 
_pdbx_database_status.recvd_initial_deposition_date   2001-07-26 
_pdbx_database_status.deposit_site                    RCSB 
_pdbx_database_status.process_site                    RCSB 
_pdbx_database_status.status_code_sf                  REL 
_pdbx_database_status.SG_entry                        . 
_pdbx_database_status.pdb_format_compatible           Y 
_pdbx_database_status.status_code_mr                  ? 
_pdbx_database_status.status_code_cs                  ? 
_pdbx_database_status.methods_development_category    ? 
_pdbx_database_status.status_code_nmr_data            ? 
# 
loop_
_audit_author.name 
_audit_author.pdbx_ordinal 
'Shi, K.'           1 
'Pan, B.'           2 
'Sundaralingam, M.' 3 
# 
_citation.id                        primary 
_citation.title                     
'Structure of a B-form DNA/RNA chimera (dC)(rG)d(ATCG) complexed with daunomycin at 1.5 A resolution.' 
_citation.journal_abbrev            'Acta Crystallogr.,Sect.D' 
_citation.journal_volume            59 
_citation.page_first                1377 
_citation.page_last                 1383 
_citation.year                      2003 
_citation.journal_id_ASTM           ABCRE6 
_citation.country                   DK 
_citation.journal_id_ISSN           0907-4449 
_citation.journal_id_CSD            0766 
_citation.book_publisher            ? 
_citation.pdbx_database_id_PubMed   12876339 
_citation.pdbx_database_id_DOI      10.1107/S0907444903011788 
# 
loop_
_citation_author.citation_id 
_citation_author.name 
_citation_author.ordinal 
_citation_author.identifier_ORCID 
primary 'Shi, K.'           1 ? 
primary 'Pan, B.'           2 ? 
primary 'Sundaralingam, M.' 3 ? 
# 
loop_
_entity.id 
_entity.type 
_entity.src_method 
_entity.pdbx_description 
_entity.formula_weight 
_entity.pdbx_number_of_molecules 
_entity.pdbx_ec 
_entity.pdbx_mutation 
_entity.pdbx_fragment 
_entity.details 
1 polymer     syn "5'-D(*C)-R(P*G)-D(P*AP*TP*CP*G)-3'" 1825.217 1  ? ? ? ? 
2 non-polymer syn DAUNOMYCIN                           527.520  1  ? ? ? ? 
3 water       nat water                                18.015   40 ? ? ? ? 
# 
_entity_poly.entity_id                      1 
_entity_poly.type                           'polydeoxyribonucleotide/polyribonucleotide hybrid' 
_entity_poly.nstd_linkage                   no 
_entity_poly.nstd_monomer                   no 
_entity_poly.pdbx_seq_one_letter_code       '(DC)G(DA)(DT)(DC)(DG)' 
_entity_poly.pdbx_seq_one_letter_code_can   CGATCG 
_entity_poly.pdbx_strand_id                 A 
_entity_poly.pdbx_target_identifier         ? 
# 
loop_
_pdbx_entity_nonpoly.entity_id 
_pdbx_entity_nonpoly.name 
_pdbx_entity_nonpoly.comp_id 
2 DAUNOMYCIN DM1 
3 water      HOH 
# 
loop_
_entity_poly_seq.entity_id 
_entity_poly_seq.num 
_entity_poly_seq.mon_id 
_entity_poly_seq.hetero 
1 1 DC n 
1 2 G  n 
1 3 DA n 
1 4 DT n 
1 5 DC n 
1 6 DG n 
# 
loop_
_chem_comp.id 
_chem_comp.type 
_chem_comp.mon_nstd_flag 
_chem_comp.name 
_chem_comp.pdbx_synonyms 
_chem_comp.formula 
_chem_comp.formula_weight 
DA  'DNA linking' y "2'-DEOXYADENOSINE-5'-MONOPHOSPHATE" ?            'C10 H14 N5 O6 P' 331.222 
DC  'DNA linking' y "2'-DEOXYCYTIDINE-5'-MONOPHOSPHATE"  ?            'C9 H14 N3 O7 P'  307.197 
DG  'DNA linking' y "2'-DEOXYGUANOSINE-5'-MONOPHOSPHATE" ?            'C10 H14 N5 O7 P' 347.221 
DM1 non-polymer   . DAUNOMYCIN                           DAUNORUBICIN 'C27 H29 N O10'   527.520 
DT  'DNA linking' y "THYMIDINE-5'-MONOPHOSPHATE"         ?            'C10 H15 N2 O8 P' 322.208 
G   'RNA linking' y "GUANOSINE-5'-MONOPHOSPHATE"         ?            'C10 H14 N5 O8 P' 363.221 
HOH non-polymer   . WATER                                ?            'H2 O'            18.015  
# 
loop_
_pdbx_poly_seq_scheme.asym_id 
_pdbx_poly_seq_scheme.entity_id 
_pdbx_poly_seq_scheme.seq_id 
_pdbx_poly_seq_scheme.mon_id 
_pdbx_poly_seq_scheme.ndb_seq_num 
_pdbx_poly_seq_scheme.pdb_seq_num 
_pdbx_poly_seq_scheme.auth_seq_num 
_pdbx_poly_seq_scheme.pdb_mon_id 
_pdbx_poly_seq_scheme.auth_mon_id 
_pdbx_poly_seq_scheme.pdb_strand_id 
_pdbx_poly_seq_scheme.pdb_ins_code 
_pdbx_poly_seq_scheme.hetero 
A 1 1 DC 1 1 1 DC C A . n 
A 1 2 G  2 2 2 G  G A . n 
A 1 3 DA 3 3 3 DA A A . n 
A 1 4 DT 4 4 4 DT T A . n 
A 1 5 DC 5 5 5 DC C A . n 
A 1 6 DG 6 6 6 DG G A . n 
# 
loop_
_pdbx_nonpoly_scheme.asym_id 
_pdbx_nonpoly_scheme.entity_id 
_pdbx_nonpoly_scheme.mon_id 
_pdbx_nonpoly_scheme.ndb_seq_num 
_pdbx_nonpoly_scheme.pdb_seq_num 
_pdbx_nonpoly_scheme.auth_seq_num 
_pdbx_nonpoly_scheme.pdb_mon_id 
_pdbx_nonpoly_scheme.auth_mon_id 
_pdbx_nonpoly_scheme.pdb_strand_id 
_pdbx_nonpoly_scheme.pdb_ins_code 
B 2 DM1 1  7   7   DM1 DM1 A . 
C 3 HOH 1  101 101 HOH WAT A . 
C 3 HOH 2  102 102 HOH WAT A . 
C 3 HOH 3  103 103 HOH WAT A . 
C 3 HOH 4  104 104 HOH WAT A . 
C 3 HOH 5  105 105 HOH WAT A . 
C 3 HOH 6  106 106 HOH WAT A . 
C 3 HOH 7  107 107 HOH WAT A . 
C 3 HOH 8  108 108 HOH WAT A . 
C 3 HOH 9  109 109 HOH WAT A . 
C 3 HOH 10 110 110 HOH WAT A . 
C 3 HOH 11 111 111 HOH WAT A . 
C 3 HOH 12 112 112 HOH WAT A . 
C 3 HOH 13 113 113 HOH WAT A . 
C 3 HOH 14 114 114 HOH WAT A . 
C 3 HOH 15 115 115 HOH WAT A . 
C 3 HOH 16 116 116 HOH WAT A . 
C 3 HOH 17 117 117 HOH WAT A . 
C 3 HOH 18 118 118 HOH WAT A . 
C 3 HOH 19 119 119 HOH WAT A . 
C 3 HOH 20 120 120 HOH WAT A . 
C 3 HOH 21 121 121 HOH WAT A . 
C 3 HOH 22 122 122 HOH WAT A . 
C 3 HOH 23 123 123 HOH WAT A . 
C 3 HOH 24 124 124 HOH WAT A . 
C 3 HOH 25 125 125 HOH WAT A . 
C 3 HOH 26 127 127 HOH WAT A . 
C 3 HOH 27 128 128 HOH WAT A . 
C 3 HOH 28 129 129 HOH WAT A . 
C 3 HOH 29 130 130 HOH WAT A . 
C 3 HOH 30 131 131 HOH WAT A . 
C 3 HOH 31 132 132 HOH WAT A . 
C 3 HOH 32 133 133 HOH WAT A . 
C 3 HOH 33 134 134 HOH WAT A . 
C 3 HOH 34 135 135 HOH WAT A . 
C 3 HOH 35 136 136 HOH WAT A . 
C 3 HOH 36 137 137 HOH WAT A . 
C 3 HOH 37 138 138 HOH WAT A . 
C 3 HOH 38 139 139 HOH WAT A . 
C 3 HOH 39 140 140 HOH WAT A . 
C 3 HOH 40 141 141 HOH WAT A . 
# 
loop_
_software.name 
_software.classification 
_software.version 
_software.citation_id 
_software.pdbx_ordinal 
SCALEPACK 'data scaling' . ? 1 
CNS       refinement     . ? 2 
# 
_cell.entry_id           1JO2 
_cell.length_a           28.05 
_cell.length_b           28.05 
_cell.length_c           53.16 
_cell.angle_alpha        90.00 
_cell.angle_beta         90.00 
_cell.angle_gamma        90.00 
_cell.Z_PDB              8 
_cell.pdbx_unique_axis   ? 
# 
_symmetry.entry_id                         1JO2 
_symmetry.space_group_name_H-M             'P 41 21 2' 
_symmetry.pdbx_full_space_group_name_H-M   ? 
_symmetry.cell_setting                     ? 
_symmetry.Int_Tables_number                92 
# 
_exptl.entry_id          1JO2 
_exptl.method            'X-RAY DIFFRACTION' 
_exptl.crystals_number   1 
# 
_exptl_crystal.id                    1 
_exptl_crystal.density_meas          ? 
_exptl_crystal.density_Matthews      2.77 
_exptl_crystal.density_percent_sol   55.55 
_exptl_crystal.description           ? 
# 
_exptl_crystal_grow.crystal_id      1 
_exptl_crystal_grow.method          EVAPORATION 
_exptl_crystal_grow.temp            293 
_exptl_crystal_grow.temp_details    ? 
_exptl_crystal_grow.pH              7.00 
_exptl_crystal_grow.pdbx_details    'magnesium chloride, cacodylate, MPD, pH 7.00, EVAPORATION, temperature 293K' 
_exptl_crystal_grow.pdbx_pH_range   . 
# 
loop_
_exptl_crystal_grow_comp.crystal_id 
_exptl_crystal_grow_comp.id 
_exptl_crystal_grow_comp.sol_id 
_exptl_crystal_grow_comp.name 
_exptl_crystal_grow_comp.conc 
_exptl_crystal_grow_comp.volume 
_exptl_crystal_grow_comp.details 
1 1 1 MgCl2      ? ? ? 
1 2 1 cacodylate ? ? ? 
1 3 1 MPD        ? ? ? 
# 
_diffrn.id                     1 
_diffrn.ambient_temp           293.0 
_diffrn.ambient_temp_details   ? 
_diffrn.crystal_id             1 
# 
_diffrn_detector.diffrn_id              1 
_diffrn_detector.detector               'IMAGE PLATE' 
_diffrn_detector.type                   'RIGAKU RAXIS IIC' 
_diffrn_detector.pdbx_collection_date   1996-06-24 
_diffrn_detector.details                MIRRORS 
# 
_diffrn_radiation.diffrn_id                        1 
_diffrn_radiation.wavelength_id                    1 
_diffrn_radiation.pdbx_monochromatic_or_laue_m_l   M 
_diffrn_radiation.monochromator                    GRAPHITE 
_diffrn_radiation.pdbx_diffrn_protocol             'SINGLE WAVELENGTH' 
_diffrn_radiation.pdbx_scattering_type             x-ray 
# 
_diffrn_radiation_wavelength.id           1 
_diffrn_radiation_wavelength.wavelength   1.54 
_diffrn_radiation_wavelength.wt           1.0 
# 
_diffrn_source.diffrn_id                   1 
_diffrn_source.source                      'ROTATING ANODE' 
_diffrn_source.type                        RIGAKU 
_diffrn_source.pdbx_synchrotron_site       ? 
_diffrn_source.pdbx_synchrotron_beamline   ? 
_diffrn_source.pdbx_wavelength             1.54 
_diffrn_source.pdbx_wavelength_list        1.54 
# 
_reflns.entry_id                     1JO2 
_reflns.observed_criterion_sigma_I   ? 
_reflns.observed_criterion_sigma_F   2.0 
_reflns.d_resolution_low             10.000 
_reflns.d_resolution_high            1.500 
_reflns.number_obs                   ? 
_reflns.number_all                   ? 
_reflns.percent_possible_obs         ? 
_reflns.pdbx_Rmerge_I_obs            ? 
_reflns.pdbx_Rsym_value              ? 
_reflns.pdbx_netI_over_sigmaI        ? 
_reflns.B_iso_Wilson_estimate        14.6 
_reflns.pdbx_redundancy              ? 
_reflns.R_free_details               ? 
_reflns.pdbx_diffrn_id               1 
_reflns.pdbx_ordinal                 1 
# 
_refine.entry_id                                 1JO2 
_refine.ls_number_reflns_obs                     2699 
_refine.ls_number_reflns_all                     2778 
_refine.pdbx_ls_sigma_I                          ? 
_refine.pdbx_ls_sigma_F                          2.000 
_refine.pdbx_data_cutoff_high_absF               2.00 
_refine.pdbx_data_cutoff_low_absF                2.00 
_refine.pdbx_data_cutoff_high_rms_absF           ? 
_refine.ls_d_res_low                             10.00 
_refine.ls_d_res_high                            1.50 
_refine.ls_percent_reflns_obs                    74.3 
_refine.ls_R_factor_obs                          ? 
_refine.ls_R_factor_all                          ? 
_refine.ls_R_factor_R_work                       0.198 
_refine.ls_R_factor_R_free                       0.233 
_refine.ls_R_factor_R_free_error                 0.015 
_refine.ls_R_factor_R_free_error_details         ? 
_refine.ls_percent_reflns_R_free                 10.00 
_refine.ls_number_reflns_R_free                  256 
_refine.ls_number_parameters                     ? 
_refine.ls_number_restraints                     ? 
_refine.occupancy_min                            ? 
_refine.occupancy_max                            ? 
_refine.B_iso_mean                               22.1 
_refine.aniso_B[1][1]                            0.12 
_refine.aniso_B[2][2]                            0.12 
_refine.aniso_B[3][3]                            -0.24 
_refine.aniso_B[1][2]                            0.00 
_refine.aniso_B[1][3]                            0.00 
_refine.aniso_B[2][3]                            0.00 
_refine.solvent_model_details                    ? 
_refine.solvent_model_param_ksol                 ? 
_refine.solvent_model_param_bsol                 ? 
_refine.pdbx_ls_cross_valid_method               THROUGHOUT 
_refine.details                                  ? 
_refine.pdbx_starting_model                      ? 
_refine.pdbx_method_to_determine_struct          ? 
_refine.pdbx_isotropic_thermal_model             ? 
_refine.pdbx_stereochemistry_target_values       ? 
_refine.pdbx_stereochem_target_val_spec_case     ? 
_refine.pdbx_R_Free_selection_details            RANDOM 
_refine.pdbx_overall_ESU_R                       ? 
_refine.pdbx_overall_ESU_R_Free                  ? 
_refine.overall_SU_ML                            ? 
_refine.overall_SU_B                             ? 
_refine.ls_redundancy_reflns_obs                 ? 
_refine.correlation_coeff_Fo_to_Fc               ? 
_refine.overall_SU_R_Cruickshank_DPI             ? 
_refine.overall_SU_R_free                        ? 
_refine.correlation_coeff_Fo_to_Fc_free          ? 
_refine.pdbx_solvent_vdw_probe_radii             ? 
_refine.pdbx_solvent_ion_probe_radii             ? 
_refine.pdbx_solvent_shrinkage_radii             ? 
_refine.pdbx_refine_id                           'X-RAY DIFFRACTION' 
_refine.pdbx_diffrn_id                           1 
_refine.pdbx_TLS_residual_ADP_flag               ? 
_refine.pdbx_overall_phase_error                 ? 
_refine.pdbx_overall_SU_R_free_Cruickshank_DPI   ? 
_refine.pdbx_overall_SU_R_Blow_DPI               ? 
_refine.pdbx_overall_SU_R_free_Blow_DPI          ? 
# 
_refine_analyze.entry_id                        1JO2 
_refine_analyze.Luzzati_coordinate_error_obs    0.19 
_refine_analyze.Luzzati_sigma_a_obs             0.16 
_refine_analyze.Luzzati_d_res_low_obs           5.00 
_refine_analyze.Luzzati_coordinate_error_free   0.21 
_refine_analyze.Luzzati_sigma_a_free            0.14 
_refine_analyze.Luzzati_d_res_low_free          ? 
_refine_analyze.number_disordered_residues      ? 
_refine_analyze.occupancy_sum_hydrogen          ? 
_refine_analyze.occupancy_sum_non_hydrogen      ? 
_refine_analyze.pdbx_refine_id                  'X-RAY DIFFRACTION' 
# 
_refine_hist.pdbx_refine_id                   'X-RAY DIFFRACTION' 
_refine_hist.cycle_id                         LAST 
_refine_hist.pdbx_number_atoms_protein        0 
_refine_hist.pdbx_number_atoms_nucleic_acid   121 
_refine_hist.pdbx_number_atoms_ligand         38 
_refine_hist.number_atoms_solvent             40 
_refine_hist.number_atoms_total               199 
_refine_hist.d_res_high                       1.50 
_refine_hist.d_res_low                        10.00 
# 
loop_
_refine_ls_restr.type 
_refine_ls_restr.dev_ideal 
_refine_ls_restr.dev_ideal_target 
_refine_ls_restr.weight 
_refine_ls_restr.number 
_refine_ls_restr.pdbx_refine_id 
_refine_ls_restr.pdbx_restraint_function 
o_bond_d                0.014 ?    ? ? 'X-RAY DIFFRACTION' ? 
o_bond_d_na             ?     ?    ? ? 'X-RAY DIFFRACTION' ? 
o_bond_d_prot           ?     ?    ? ? 'X-RAY DIFFRACTION' ? 
o_angle_d               ?     ?    ? ? 'X-RAY DIFFRACTION' ? 
o_angle_d_na            ?     ?    ? ? 'X-RAY DIFFRACTION' ? 
o_angle_d_prot          ?     ?    ? ? 'X-RAY DIFFRACTION' ? 
o_angle_deg             1.5   ?    ? ? 'X-RAY DIFFRACTION' ? 
o_angle_deg_na          ?     ?    ? ? 'X-RAY DIFFRACTION' ? 
o_angle_deg_prot        ?     ?    ? ? 'X-RAY DIFFRACTION' ? 
o_dihedral_angle_d      17.5  ?    ? ? 'X-RAY DIFFRACTION' ? 
o_dihedral_angle_d_na   ?     ?    ? ? 'X-RAY DIFFRACTION' ? 
o_dihedral_angle_d_prot ?     ?    ? ? 'X-RAY DIFFRACTION' ? 
o_improper_angle_d      1.94  ?    ? ? 'X-RAY DIFFRACTION' ? 
o_improper_angle_d_na   ?     ?    ? ? 'X-RAY DIFFRACTION' ? 
o_improper_angle_d_prot ?     ?    ? ? 'X-RAY DIFFRACTION' ? 
o_mcbond_it             0.40  1.50 ? ? 'X-RAY DIFFRACTION' ? 
o_mcangle_it            0.69  2.00 ? ? 'X-RAY DIFFRACTION' ? 
o_scbond_it             0.00  2.00 ? ? 'X-RAY DIFFRACTION' ? 
o_scangle_it            0.00  2.50 ? ? 'X-RAY DIFFRACTION' ? 
# 
_refine_ls_shell.pdbx_total_number_of_bins_used   6 
_refine_ls_shell.d_res_high                       1.50 
_refine_ls_shell.d_res_low                        1.59 
_refine_ls_shell.number_reflns_R_work             112 
_refine_ls_shell.R_factor_R_work                  0.286 
_refine_ls_shell.percent_reflns_obs               21.2 
_refine_ls_shell.R_factor_R_free                  0.258 
_refine_ls_shell.R_factor_R_free_error            0.072 
_refine_ls_shell.percent_reflns_R_free            10.4 
_refine_ls_shell.number_reflns_R_free             13 
_refine_ls_shell.redundancy_reflns_obs            ? 
_refine_ls_shell.pdbx_refine_id                   'X-RAY DIFFRACTION' 
_refine_ls_shell.number_reflns_all                ? 
_refine_ls_shell.R_factor_all                     ? 
# 
_struct.entry_id                  1JO2 
_struct.title                     
'Crystal Structure of the B-DNA Hexamer (CgATCG).Daunomycin Complex Containing a Ribose at the Intercalation Site' 
_struct.pdbx_model_details        ? 
_struct.pdbx_CASP_flag            ? 
_struct.pdbx_model_type_details   ? 
# 
_struct_keywords.entry_id        1JO2 
_struct_keywords.pdbx_keywords   'DNA, RNA' 
_struct_keywords.text            'intercalation, DNA/RNA chimer, DNA, RNA' 
# 
loop_
_struct_asym.id 
_struct_asym.pdbx_blank_PDB_chainid_flag 
_struct_asym.pdbx_modified 
_struct_asym.entity_id 
_struct_asym.details 
A N N 1 ? 
B N N 2 ? 
C N N 3 ? 
# 
_struct_ref.id                         1 
_struct_ref.entity_id                  1 
_struct_ref.db_name                    PDB 
_struct_ref.db_code                    1JO2 
_struct_ref.pdbx_db_accession          1JO2 
_struct_ref.pdbx_db_isoform            ? 
_struct_ref.pdbx_seq_one_letter_code   ? 
_struct_ref.pdbx_align_begin           ? 
# 
_struct_ref_seq.align_id                      1 
_struct_ref_seq.ref_id                        1 
_struct_ref_seq.pdbx_PDB_id_code              1JO2 
_struct_ref_seq.pdbx_strand_id                A 
_struct_ref_seq.seq_align_beg                 1 
_struct_ref_seq.pdbx_seq_align_beg_ins_code   ? 
_struct_ref_seq.seq_align_end                 6 
_struct_ref_seq.pdbx_seq_align_end_ins_code   ? 
_struct_ref_seq.pdbx_db_accession             1JO2 
_struct_ref_seq.db_align_beg                  1 
_struct_ref_seq.pdbx_db_align_beg_ins_code    ? 
_struct_ref_seq.db_align_end                  6 
_struct_ref_seq.pdbx_db_align_end_ins_code    ? 
_struct_ref_seq.pdbx_auth_seq_align_beg       1 
_struct_ref_seq.pdbx_auth_seq_align_end       6 
# 
_pdbx_struct_assembly.id                   1 
_pdbx_struct_assembly.details              author_defined_assembly 
_pdbx_struct_assembly.method_details       ? 
_pdbx_struct_assembly.oligomeric_details   dimeric 
_pdbx_struct_assembly.oligomeric_count     2 
# 
_pdbx_struct_assembly_gen.assembly_id       1 
_pdbx_struct_assembly_gen.oper_expression   1,2 
_pdbx_struct_assembly_gen.asym_id_list      A,B,C 
# 
loop_
_pdbx_struct_oper_list.id 
_pdbx_struct_oper_list.type 
_pdbx_struct_oper_list.name 
_pdbx_struct_oper_list.symmetry_operation 
_pdbx_struct_oper_list.matrix[1][1] 
_pdbx_struct_oper_list.matrix[1][2] 
_pdbx_struct_oper_list.matrix[1][3] 
_pdbx_struct_oper_list.vector[1] 
_pdbx_struct_oper_list.matrix[2][1] 
_pdbx_struct_oper_list.matrix[2][2] 
_pdbx_struct_oper_list.matrix[2][3] 
_pdbx_struct_oper_list.vector[2] 
_pdbx_struct_oper_list.matrix[3][1] 
_pdbx_struct_oper_list.matrix[3][2] 
_pdbx_struct_oper_list.matrix[3][3] 
_pdbx_struct_oper_list.vector[3] 
1 'identity operation'         1_555 x,y,z            1.0000000000  0.0000000000 0.0000000000  0.0000000000  0.0000000000 1.0000000000 0.0000000000  0.0000000000  0.0000000000  0.0000000000  1.0000000000  0.0000000000  
2 'crystal symmetry operation' 8_665 -y+1,-x+1,-z+1/2 -0.9889406326 0.1363374400 -0.0583825965 -1.8406135688 0.1363374400 0.6807378695 -0.7197277648 -2.4379434941 -0.0583825965 -0.7197277648 -0.6917972369 -6.0418518065 
# 
_struct_biol.id                    1 
_struct_biol.pdbx_parent_biol_id   ? 
_struct_biol.details               ? 
# 
loop_
_struct_conn.id 
_struct_conn.conn_type_id 
_struct_conn.pdbx_leaving_atom_flag 
_struct_conn.pdbx_PDB_id 
_struct_conn.ptnr1_label_asym_id 
_struct_conn.ptnr1_label_comp_id 
_struct_conn.ptnr1_label_seq_id 
_struct_conn.ptnr1_label_atom_id 
_struct_conn.pdbx_ptnr1_label_alt_id 
_struct_conn.pdbx_ptnr1_PDB_ins_code 
_struct_conn.pdbx_ptnr1_standard_comp_id 
_struct_conn.ptnr1_symmetry 
_struct_conn.ptnr2_label_asym_id 
_struct_conn.ptnr2_label_comp_id 
_struct_conn.ptnr2_label_seq_id 
_struct_conn.ptnr2_label_atom_id 
_struct_conn.pdbx_ptnr2_label_alt_id 
_struct_conn.pdbx_ptnr2_PDB_ins_code 
_struct_conn.ptnr1_auth_asym_id 
_struct_conn.ptnr1_auth_comp_id 
_struct_conn.ptnr1_auth_seq_id 
_struct_conn.ptnr2_auth_asym_id 
_struct_conn.ptnr2_auth_comp_id 
_struct_conn.ptnr2_auth_seq_id 
_struct_conn.ptnr2_symmetry 
_struct_conn.pdbx_ptnr3_label_atom_id 
_struct_conn.pdbx_ptnr3_label_seq_id 
_struct_conn.pdbx_ptnr3_label_comp_id 
_struct_conn.pdbx_ptnr3_label_asym_id 
_struct_conn.pdbx_ptnr3_label_alt_id 
_struct_conn.pdbx_ptnr3_PDB_ins_code 
_struct_conn.details 
_struct_conn.pdbx_dist_value 
_struct_conn.pdbx_value_order 
_struct_conn.pdbx_role 
hydrog1  hydrog ? ? A DC 1 N3 ? ? ? 1_555 A DG 6 N1 ? ? A DC 1 A DG 6 8_665 ? ? ? ? ? ? WATSON-CRICK ? ? ? 
hydrog2  hydrog ? ? A DC 1 N4 ? ? ? 1_555 A DG 6 O6 ? ? A DC 1 A DG 6 8_665 ? ? ? ? ? ? WATSON-CRICK ? ? ? 
hydrog3  hydrog ? ? A DC 1 O2 ? ? ? 1_555 A DG 6 N2 ? ? A DC 1 A DG 6 8_665 ? ? ? ? ? ? WATSON-CRICK ? ? ? 
hydrog4  hydrog ? ? A G  2 N1 ? ? ? 1_555 A DC 5 N3 ? ? A G  2 A DC 5 8_665 ? ? ? ? ? ? WATSON-CRICK ? ? ? 
hydrog5  hydrog ? ? A G  2 N2 ? ? ? 1_555 A DC 5 O2 ? ? A G  2 A DC 5 8_665 ? ? ? ? ? ? WATSON-CRICK ? ? ? 
hydrog6  hydrog ? ? A G  2 O6 ? ? ? 1_555 A DC 5 N4 ? ? A G  2 A DC 5 8_665 ? ? ? ? ? ? WATSON-CRICK ? ? ? 
hydrog7  hydrog ? ? A DA 3 N1 ? ? ? 1_555 A DT 4 N3 ? ? A DA 3 A DT 4 8_665 ? ? ? ? ? ? WATSON-CRICK ? ? ? 
hydrog8  hydrog ? ? A DA 3 N6 ? ? ? 1_555 A DT 4 O4 ? ? A DA 3 A DT 4 8_665 ? ? ? ? ? ? WATSON-CRICK ? ? ? 
hydrog9  hydrog ? ? A DT 4 N3 ? ? ? 1_555 A DA 3 N1 ? ? A DT 4 A DA 3 8_665 ? ? ? ? ? ? WATSON-CRICK ? ? ? 
hydrog10 hydrog ? ? A DT 4 O4 ? ? ? 1_555 A DA 3 N6 ? ? A DT 4 A DA 3 8_665 ? ? ? ? ? ? WATSON-CRICK ? ? ? 
hydrog11 hydrog ? ? A DC 5 N3 ? ? ? 1_555 A G  2 N1 ? ? A DC 5 A G  2 8_665 ? ? ? ? ? ? WATSON-CRICK ? ? ? 
hydrog12 hydrog ? ? A DC 5 N4 ? ? ? 1_555 A G  2 O6 ? ? A DC 5 A G  2 8_665 ? ? ? ? ? ? WATSON-CRICK ? ? ? 
hydrog13 hydrog ? ? A DC 5 O2 ? ? ? 1_555 A G  2 N2 ? ? A DC 5 A G  2 8_665 ? ? ? ? ? ? WATSON-CRICK ? ? ? 
hydrog14 hydrog ? ? A DG 6 N1 ? ? ? 1_555 A DC 1 N3 ? ? A DG 6 A DC 1 8_665 ? ? ? ? ? ? WATSON-CRICK ? ? ? 
hydrog15 hydrog ? ? A DG 6 N2 ? ? ? 1_555 A DC 1 O2 ? ? A DG 6 A DC 1 8_665 ? ? ? ? ? ? WATSON-CRICK ? ? ? 
hydrog16 hydrog ? ? A DG 6 O6 ? ? ? 1_555 A DC 1 N4 ? ? A DG 6 A DC 1 8_665 ? ? ? ? ? ? WATSON-CRICK ? ? ? 
# 
_struct_conn_type.id          hydrog 
_struct_conn_type.criteria    ? 
_struct_conn_type.reference   ? 
# 
loop_
_struct_site.id 
_struct_site.pdbx_evidence_code 
_struct_site.pdbx_auth_asym_id 
_struct_site.pdbx_auth_comp_id 
_struct_site.pdbx_auth_seq_id 
_struct_site.pdbx_auth_ins_code 
_struct_site.pdbx_num_residues 
_struct_site.details 
AC1 Software A DM1 7 ? 12 'BINDING SITE FOR RESIDUE DM1 A 7' 
1   ?        ? ?   ? ? ?  ?                                  
# 
loop_
_struct_site_gen.id 
_struct_site_gen.site_id 
_struct_site_gen.pdbx_num_res 
_struct_site_gen.label_comp_id 
_struct_site_gen.label_asym_id 
_struct_site_gen.label_seq_id 
_struct_site_gen.pdbx_auth_ins_code 
_struct_site_gen.auth_comp_id 
_struct_site_gen.auth_asym_id 
_struct_site_gen.auth_seq_id 
_struct_site_gen.label_atom_id 
_struct_site_gen.label_alt_id 
_struct_site_gen.symmetry 
_struct_site_gen.details 
1  AC1 12 DC  A 1 ? DC  A 1   . ? 1_555 ? 
2  AC1 12 G   A 2 ? G   A 2   . ? 1_555 ? 
3  AC1 12 DA  A 3 ? DA  A 3   . ? 1_555 ? 
4  AC1 12 DT  A 4 ? DT  A 4   . ? 8_665 ? 
5  AC1 12 DC  A 5 ? DC  A 5   . ? 8_665 ? 
6  AC1 12 DG  A 6 ? DG  A 6   . ? 8_665 ? 
7  AC1 12 HOH C . ? HOH A 102 . ? 1_555 ? 
8  AC1 12 HOH C . ? HOH A 110 . ? 1_555 ? 
9  AC1 12 HOH C . ? HOH A 111 . ? 1_555 ? 
10 AC1 12 HOH C . ? HOH A 113 . ? 1_555 ? 
11 AC1 12 HOH C . ? HOH A 123 . ? 1_555 ? 
12 AC1 12 HOH C . ? HOH A 135 . ? 1_555 ? 
# 
_pdbx_validate_planes.id              1 
_pdbx_validate_planes.PDB_model_num   1 
_pdbx_validate_planes.auth_comp_id    DC 
_pdbx_validate_planes.auth_asym_id    A 
_pdbx_validate_planes.auth_seq_id     5 
_pdbx_validate_planes.PDB_ins_code    ? 
_pdbx_validate_planes.label_alt_id    ? 
_pdbx_validate_planes.rmsd            0.090 
_pdbx_validate_planes.type            'SIDE CHAIN' 
# 
_struct_site_keywords.site_id   1 
_struct_site_keywords.text      'INTERCALATION, GROOVE BINDER' 
# 
loop_
_chem_comp_atom.comp_id 
_chem_comp_atom.atom_id 
_chem_comp_atom.type_symbol 
_chem_comp_atom.pdbx_aromatic_flag 
_chem_comp_atom.pdbx_stereo_config 
_chem_comp_atom.pdbx_ordinal 
DA  OP3    O N N 1   
DA  P      P N N 2   
DA  OP1    O N N 3   
DA  OP2    O N N 4   
DA  "O5'"  O N N 5   
DA  "C5'"  C N N 6   
DA  "C4'"  C N R 7   
DA  "O4'"  O N N 8   
DA  "C3'"  C N S 9   
DA  "O3'"  O N N 10  
DA  "C2'"  C N N 11  
DA  "C1'"  C N R 12  
DA  N9     N Y N 13  
DA  C8     C Y N 14  
DA  N7     N Y N 15  
DA  C5     C Y N 16  
DA  C6     C Y N 17  
DA  N6     N N N 18  
DA  N1     N Y N 19  
DA  C2     C Y N 20  
DA  N3     N Y N 21  
DA  C4     C Y N 22  
DA  HOP3   H N N 23  
DA  HOP2   H N N 24  
DA  "H5'"  H N N 25  
DA  "H5''" H N N 26  
DA  "H4'"  H N N 27  
DA  "H3'"  H N N 28  
DA  "HO3'" H N N 29  
DA  "H2'"  H N N 30  
DA  "H2''" H N N 31  
DA  "H1'"  H N N 32  
DA  H8     H N N 33  
DA  H61    H N N 34  
DA  H62    H N N 35  
DA  H2     H N N 36  
DC  OP3    O N N 37  
DC  P      P N N 38  
DC  OP1    O N N 39  
DC  OP2    O N N 40  
DC  "O5'"  O N N 41  
DC  "C5'"  C N N 42  
DC  "C4'"  C N R 43  
DC  "O4'"  O N N 44  
DC  "C3'"  C N S 45  
DC  "O3'"  O N N 46  
DC  "C2'"  C N N 47  
DC  "C1'"  C N R 48  
DC  N1     N N N 49  
DC  C2     C N N 50  
DC  O2     O N N 51  
DC  N3     N N N 52  
DC  C4     C N N 53  
DC  N4     N N N 54  
DC  C5     C N N 55  
DC  C6     C N N 56  
DC  HOP3   H N N 57  
DC  HOP2   H N N 58  
DC  "H5'"  H N N 59  
DC  "H5''" H N N 60  
DC  "H4'"  H N N 61  
DC  "H3'"  H N N 62  
DC  "HO3'" H N N 63  
DC  "H2'"  H N N 64  
DC  "H2''" H N N 65  
DC  "H1'"  H N N 66  
DC  H41    H N N 67  
DC  H42    H N N 68  
DC  H5     H N N 69  
DC  H6     H N N 70  
DG  OP3    O N N 71  
DG  P      P N N 72  
DG  OP1    O N N 73  
DG  OP2    O N N 74  
DG  "O5'"  O N N 75  
DG  "C5'"  C N N 76  
DG  "C4'"  C N R 77  
DG  "O4'"  O N N 78  
DG  "C3'"  C N S 79  
DG  "O3'"  O N N 80  
DG  "C2'"  C N N 81  
DG  "C1'"  C N R 82  
DG  N9     N Y N 83  
DG  C8     C Y N 84  
DG  N7     N Y N 85  
DG  C5     C Y N 86  
DG  C6     C N N 87  
DG  O6     O N N 88  
DG  N1     N N N 89  
DG  C2     C N N 90  
DG  N2     N N N 91  
DG  N3     N N N 92  
DG  C4     C Y N 93  
DG  HOP3   H N N 94  
DG  HOP2   H N N 95  
DG  "H5'"  H N N 96  
DG  "H5''" H N N 97  
DG  "H4'"  H N N 98  
DG  "H3'"  H N N 99  
DG  "HO3'" H N N 100 
DG  "H2'"  H N N 101 
DG  "H2''" H N N 102 
DG  "H1'"  H N N 103 
DG  H8     H N N 104 
DG  H1     H N N 105 
DG  H21    H N N 106 
DG  H22    H N N 107 
DM1 C1     C Y N 108 
DM1 C2     C Y N 109 
DM1 C3     C Y N 110 
DM1 C4     C Y N 111 
DM1 O4     O N N 112 
DM1 C5     C Y N 113 
DM1 C6     C N N 114 
DM1 O6     O N N 115 
DM1 C7     C Y N 116 
DM1 C8     C Y N 117 
DM1 O8     O N N 118 
DM1 C9     C Y N 119 
DM1 C10    C N S 120 
DM1 O10    O N N 121 
DM1 C11    C N N 122 
DM1 C12    C N S 123 
DM1 O12    O N N 124 
DM1 C13    C N N 125 
DM1 O13    O N N 126 
DM1 C14    C N N 127 
DM1 C15    C N N 128 
DM1 C16    C Y N 129 
DM1 C17    C Y N 130 
DM1 O17    O N N 131 
DM1 C18    C Y N 132 
DM1 C19    C N N 133 
DM1 O19    O N N 134 
DM1 C20    C Y N 135 
DM1 C21    C N N 136 
DM1 "C1'"  C N R 137 
DM1 "C2'"  C N N 138 
DM1 "C3'"  C N S 139 
DM1 "N3'"  N N N 140 
DM1 "C4'"  C N S 141 
DM1 "O4'"  O N N 142 
DM1 "C5'"  C N S 143 
DM1 "O5'"  O N N 144 
DM1 "C6'"  C N N 145 
DM1 H1     H N N 146 
DM1 H2     H N N 147 
DM1 H3     H N N 148 
DM1 HO8    H N N 149 
DM1 H10    H N N 150 
DM1 H111   H N N 151 
DM1 H112   H N N 152 
DM1 HO12   H N N 153 
DM1 H141   H N N 154 
DM1 H142   H N N 155 
DM1 H143   H N N 156 
DM1 H151   H N N 157 
DM1 H152   H N N 158 
DM1 HO17   H N N 159 
DM1 H211   H N N 160 
DM1 H212   H N N 161 
DM1 H213   H N N 162 
DM1 "H1'"  H N N 163 
DM1 "H2'1" H N N 164 
DM1 "H2'2" H N N 165 
DM1 "H3'"  H N N 166 
DM1 "HN'1" H N N 167 
DM1 "HN'2" H N N 168 
DM1 "H4'"  H N N 169 
DM1 "HO4'" H N N 170 
DM1 "H5'"  H N N 171 
DM1 "H6'1" H N N 172 
DM1 "H6'2" H N N 173 
DM1 "H6'3" H N N 174 
DT  OP3    O N N 175 
DT  P      P N N 176 
DT  OP1    O N N 177 
DT  OP2    O N N 178 
DT  "O5'"  O N N 179 
DT  "C5'"  C N N 180 
DT  "C4'"  C N R 181 
DT  "O4'"  O N N 182 
DT  "C3'"  C N S 183 
DT  "O3'"  O N N 184 
DT  "C2'"  C N N 185 
DT  "C1'"  C N R 186 
DT  N1     N N N 187 
DT  C2     C N N 188 
DT  O2     O N N 189 
DT  N3     N N N 190 
DT  C4     C N N 191 
DT  O4     O N N 192 
DT  C5     C N N 193 
DT  C7     C N N 194 
DT  C6     C N N 195 
DT  HOP3   H N N 196 
DT  HOP2   H N N 197 
DT  "H5'"  H N N 198 
DT  "H5''" H N N 199 
DT  "H4'"  H N N 200 
DT  "H3'"  H N N 201 
DT  "HO3'" H N N 202 
DT  "H2'"  H N N 203 
DT  "H2''" H N N 204 
DT  "H1'"  H N N 205 
DT  H3     H N N 206 
DT  H71    H N N 207 
DT  H72    H N N 208 
DT  H73    H N N 209 
DT  H6     H N N 210 
G   OP3    O N N 211 
G   P      P N N 212 
G   OP1    O N N 213 
G   OP2    O N N 214 
G   "O5'"  O N N 215 
G   "C5'"  C N N 216 
G   "C4'"  C N R 217 
G   "O4'"  O N N 218 
G   "C3'"  C N S 219 
G   "O3'"  O N N 220 
G   "C2'"  C N R 221 
G   "O2'"  O N N 222 
G   "C1'"  C N R 223 
G   N9     N Y N 224 
G   C8     C Y N 225 
G   N7     N Y N 226 
G   C5     C Y N 227 
G   C6     C N N 228 
G   O6     O N N 229 
G   N1     N N N 230 
G   C2     C N N 231 
G   N2     N N N 232 
G   N3     N N N 233 
G   C4     C Y N 234 
G   HOP3   H N N 235 
G   HOP2   H N N 236 
G   "H5'"  H N N 237 
G   "H5''" H N N 238 
G   "H4'"  H N N 239 
G   "H3'"  H N N 240 
G   "HO3'" H N N 241 
G   "H2'"  H N N 242 
G   "HO2'" H N N 243 
G   "H1'"  H N N 244 
G   H8     H N N 245 
G   H1     H N N 246 
G   H21    H N N 247 
G   H22    H N N 248 
HOH O      O N N 249 
HOH H1     H N N 250 
HOH H2     H N N 251 
# 
loop_
_chem_comp_bond.comp_id 
_chem_comp_bond.atom_id_1 
_chem_comp_bond.atom_id_2 
_chem_comp_bond.value_order 
_chem_comp_bond.pdbx_aromatic_flag 
_chem_comp_bond.pdbx_stereo_config 
_chem_comp_bond.pdbx_ordinal 
DA  OP3   P      sing N N 1   
DA  OP3   HOP3   sing N N 2   
DA  P     OP1    doub N N 3   
DA  P     OP2    sing N N 4   
DA  P     "O5'"  sing N N 5   
DA  OP2   HOP2   sing N N 6   
DA  "O5'" "C5'"  sing N N 7   
DA  "C5'" "C4'"  sing N N 8   
DA  "C5'" "H5'"  sing N N 9   
DA  "C5'" "H5''" sing N N 10  
DA  "C4'" "O4'"  sing N N 11  
DA  "C4'" "C3'"  sing N N 12  
DA  "C4'" "H4'"  sing N N 13  
DA  "O4'" "C1'"  sing N N 14  
DA  "C3'" "O3'"  sing N N 15  
DA  "C3'" "C2'"  sing N N 16  
DA  "C3'" "H3'"  sing N N 17  
DA  "O3'" "HO3'" sing N N 18  
DA  "C2'" "C1'"  sing N N 19  
DA  "C2'" "H2'"  sing N N 20  
DA  "C2'" "H2''" sing N N 21  
DA  "C1'" N9     sing N N 22  
DA  "C1'" "H1'"  sing N N 23  
DA  N9    C8     sing Y N 24  
DA  N9    C4     sing Y N 25  
DA  C8    N7     doub Y N 26  
DA  C8    H8     sing N N 27  
DA  N7    C5     sing Y N 28  
DA  C5    C6     sing Y N 29  
DA  C5    C4     doub Y N 30  
DA  C6    N6     sing N N 31  
DA  C6    N1     doub Y N 32  
DA  N6    H61    sing N N 33  
DA  N6    H62    sing N N 34  
DA  N1    C2     sing Y N 35  
DA  C2    N3     doub Y N 36  
DA  C2    H2     sing N N 37  
DA  N3    C4     sing Y N 38  
DC  OP3   P      sing N N 39  
DC  OP3   HOP3   sing N N 40  
DC  P     OP1    doub N N 41  
DC  P     OP2    sing N N 42  
DC  P     "O5'"  sing N N 43  
DC  OP2   HOP2   sing N N 44  
DC  "O5'" "C5'"  sing N N 45  
DC  "C5'" "C4'"  sing N N 46  
DC  "C5'" "H5'"  sing N N 47  
DC  "C5'" "H5''" sing N N 48  
DC  "C4'" "O4'"  sing N N 49  
DC  "C4'" "C3'"  sing N N 50  
DC  "C4'" "H4'"  sing N N 51  
DC  "O4'" "C1'"  sing N N 52  
DC  "C3'" "O3'"  sing N N 53  
DC  "C3'" "C2'"  sing N N 54  
DC  "C3'" "H3'"  sing N N 55  
DC  "O3'" "HO3'" sing N N 56  
DC  "C2'" "C1'"  sing N N 57  
DC  "C2'" "H2'"  sing N N 58  
DC  "C2'" "H2''" sing N N 59  
DC  "C1'" N1     sing N N 60  
DC  "C1'" "H1'"  sing N N 61  
DC  N1    C2     sing N N 62  
DC  N1    C6     sing N N 63  
DC  C2    O2     doub N N 64  
DC  C2    N3     sing N N 65  
DC  N3    C4     doub N N 66  
DC  C4    N4     sing N N 67  
DC  C4    C5     sing N N 68  
DC  N4    H41    sing N N 69  
DC  N4    H42    sing N N 70  
DC  C5    C6     doub N N 71  
DC  C5    H5     sing N N 72  
DC  C6    H6     sing N N 73  
DG  OP3   P      sing N N 74  
DG  OP3   HOP3   sing N N 75  
DG  P     OP1    doub N N 76  
DG  P     OP2    sing N N 77  
DG  P     "O5'"  sing N N 78  
DG  OP2   HOP2   sing N N 79  
DG  "O5'" "C5'"  sing N N 80  
DG  "C5'" "C4'"  sing N N 81  
DG  "C5'" "H5'"  sing N N 82  
DG  "C5'" "H5''" sing N N 83  
DG  "C4'" "O4'"  sing N N 84  
DG  "C4'" "C3'"  sing N N 85  
DG  "C4'" "H4'"  sing N N 86  
DG  "O4'" "C1'"  sing N N 87  
DG  "C3'" "O3'"  sing N N 88  
DG  "C3'" "C2'"  sing N N 89  
DG  "C3'" "H3'"  sing N N 90  
DG  "O3'" "HO3'" sing N N 91  
DG  "C2'" "C1'"  sing N N 92  
DG  "C2'" "H2'"  sing N N 93  
DG  "C2'" "H2''" sing N N 94  
DG  "C1'" N9     sing N N 95  
DG  "C1'" "H1'"  sing N N 96  
DG  N9    C8     sing Y N 97  
DG  N9    C4     sing Y N 98  
DG  C8    N7     doub Y N 99  
DG  C8    H8     sing N N 100 
DG  N7    C5     sing Y N 101 
DG  C5    C6     sing N N 102 
DG  C5    C4     doub Y N 103 
DG  C6    O6     doub N N 104 
DG  C6    N1     sing N N 105 
DG  N1    C2     sing N N 106 
DG  N1    H1     sing N N 107 
DG  C2    N2     sing N N 108 
DG  C2    N3     doub N N 109 
DG  N2    H21    sing N N 110 
DG  N2    H22    sing N N 111 
DG  N3    C4     sing N N 112 
DM1 C1    C2     doub Y N 113 
DM1 C1    C20    sing Y N 114 
DM1 C1    H1     sing N N 115 
DM1 C2    C3     sing Y N 116 
DM1 C2    H2     sing N N 117 
DM1 C3    C4     doub Y N 118 
DM1 C3    H3     sing N N 119 
DM1 C4    O4     sing N N 120 
DM1 C4    C5     sing Y N 121 
DM1 O4    C21    sing N N 122 
DM1 C5    C6     sing N N 123 
DM1 C5    C20    doub Y N 124 
DM1 C6    O6     doub N N 125 
DM1 C6    C7     sing N N 126 
DM1 C7    C8     doub Y N 127 
DM1 C7    C18    sing Y N 128 
DM1 C8    O8     sing N N 129 
DM1 C8    C9     sing Y N 130 
DM1 O8    HO8    sing N N 131 
DM1 C9    C10    sing N N 132 
DM1 C9    C16    doub Y N 133 
DM1 C10   O10    sing N N 134 
DM1 C10   C11    sing N N 135 
DM1 C10   H10    sing N N 136 
DM1 O10   "C1'"  sing N N 137 
DM1 C11   C12    sing N N 138 
DM1 C11   H111   sing N N 139 
DM1 C11   H112   sing N N 140 
DM1 C12   O12    sing N N 141 
DM1 C12   C13    sing N N 142 
DM1 C12   C15    sing N N 143 
DM1 O12   HO12   sing N N 144 
DM1 C13   O13    doub N N 145 
DM1 C13   C14    sing N N 146 
DM1 C14   H141   sing N N 147 
DM1 C14   H142   sing N N 148 
DM1 C14   H143   sing N N 149 
DM1 C15   C16    sing N N 150 
DM1 C15   H151   sing N N 151 
DM1 C15   H152   sing N N 152 
DM1 C16   C17    sing Y N 153 
DM1 C17   O17    sing N N 154 
DM1 C17   C18    doub Y N 155 
DM1 O17   HO17   sing N N 156 
DM1 C18   C19    sing N N 157 
DM1 C19   O19    doub N N 158 
DM1 C19   C20    sing N N 159 
DM1 C21   H211   sing N N 160 
DM1 C21   H212   sing N N 161 
DM1 C21   H213   sing N N 162 
DM1 "C1'" "C2'"  sing N N 163 
DM1 "C1'" "O5'"  sing N N 164 
DM1 "C1'" "H1'"  sing N N 165 
DM1 "C2'" "C3'"  sing N N 166 
DM1 "C2'" "H2'1" sing N N 167 
DM1 "C2'" "H2'2" sing N N 168 
DM1 "C3'" "N3'"  sing N N 169 
DM1 "C3'" "C4'"  sing N N 170 
DM1 "C3'" "H3'"  sing N N 171 
DM1 "N3'" "HN'1" sing N N 172 
DM1 "N3'" "HN'2" sing N N 173 
DM1 "C4'" "O4'"  sing N N 174 
DM1 "C4'" "C5'"  sing N N 175 
DM1 "C4'" "H4'"  sing N N 176 
DM1 "O4'" "HO4'" sing N N 177 
DM1 "C5'" "O5'"  sing N N 178 
DM1 "C5'" "C6'"  sing N N 179 
DM1 "C5'" "H5'"  sing N N 180 
DM1 "C6'" "H6'1" sing N N 181 
DM1 "C6'" "H6'2" sing N N 182 
DM1 "C6'" "H6'3" sing N N 183 
DT  OP3   P      sing N N 184 
DT  OP3   HOP3   sing N N 185 
DT  P     OP1    doub N N 186 
DT  P     OP2    sing N N 187 
DT  P     "O5'"  sing N N 188 
DT  OP2   HOP2   sing N N 189 
DT  "O5'" "C5'"  sing N N 190 
DT  "C5'" "C4'"  sing N N 191 
DT  "C5'" "H5'"  sing N N 192 
DT  "C5'" "H5''" sing N N 193 
DT  "C4'" "O4'"  sing N N 194 
DT  "C4'" "C3'"  sing N N 195 
DT  "C4'" "H4'"  sing N N 196 
DT  "O4'" "C1'"  sing N N 197 
DT  "C3'" "O3'"  sing N N 198 
DT  "C3'" "C2'"  sing N N 199 
DT  "C3'" "H3'"  sing N N 200 
DT  "O3'" "HO3'" sing N N 201 
DT  "C2'" "C1'"  sing N N 202 
DT  "C2'" "H2'"  sing N N 203 
DT  "C2'" "H2''" sing N N 204 
DT  "C1'" N1     sing N N 205 
DT  "C1'" "H1'"  sing N N 206 
DT  N1    C2     sing N N 207 
DT  N1    C6     sing N N 208 
DT  C2    O2     doub N N 209 
DT  C2    N3     sing N N 210 
DT  N3    C4     sing N N 211 
DT  N3    H3     sing N N 212 
DT  C4    O4     doub N N 213 
DT  C4    C5     sing N N 214 
DT  C5    C7     sing N N 215 
DT  C5    C6     doub N N 216 
DT  C7    H71    sing N N 217 
DT  C7    H72    sing N N 218 
DT  C7    H73    sing N N 219 
DT  C6    H6     sing N N 220 
G   OP3   P      sing N N 221 
G   OP3   HOP3   sing N N 222 
G   P     OP1    doub N N 223 
G   P     OP2    sing N N 224 
G   P     "O5'"  sing N N 225 
G   OP2   HOP2   sing N N 226 
G   "O5'" "C5'"  sing N N 227 
G   "C5'" "C4'"  sing N N 228 
G   "C5'" "H5'"  sing N N 229 
G   "C5'" "H5''" sing N N 230 
G   "C4'" "O4'"  sing N N 231 
G   "C4'" "C3'"  sing N N 232 
G   "C4'" "H4'"  sing N N 233 
G   "O4'" "C1'"  sing N N 234 
G   "C3'" "O3'"  sing N N 235 
G   "C3'" "C2'"  sing N N 236 
G   "C3'" "H3'"  sing N N 237 
G   "O3'" "HO3'" sing N N 238 
G   "C2'" "O2'"  sing N N 239 
G   "C2'" "C1'"  sing N N 240 
G   "C2'" "H2'"  sing N N 241 
G   "O2'" "HO2'" sing N N 242 
G   "C1'" N9     sing N N 243 
G   "C1'" "H1'"  sing N N 244 
G   N9    C8     sing Y N 245 
G   N9    C4     sing Y N 246 
G   C8    N7     doub Y N 247 
G   C8    H8     sing N N 248 
G   N7    C5     sing Y N 249 
G   C5    C6     sing N N 250 
G   C5    C4     doub Y N 251 
G   C6    O6     doub N N 252 
G   C6    N1     sing N N 253 
G   N1    C2     sing N N 254 
G   N1    H1     sing N N 255 
G   C2    N2     sing N N 256 
G   C2    N3     doub N N 257 
G   N2    H21    sing N N 258 
G   N2    H22    sing N N 259 
G   N3    C4     sing N N 260 
HOH O     H1     sing N N 261 
HOH O     H2     sing N N 262 
# 
_ndb_struct_conf_na.entry_id   1JO2 
_ndb_struct_conf_na.feature    'b-form double helix' 
# 
loop_
_ndb_struct_na_base_pair.model_number 
_ndb_struct_na_base_pair.i_label_asym_id 
_ndb_struct_na_base_pair.i_label_comp_id 
_ndb_struct_na_base_pair.i_label_seq_id 
_ndb_struct_na_base_pair.i_symmetry 
_ndb_struct_na_base_pair.j_label_asym_id 
_ndb_struct_na_base_pair.j_label_comp_id 
_ndb_struct_na_base_pair.j_label_seq_id 
_ndb_struct_na_base_pair.j_symmetry 
_ndb_struct_na_base_pair.shear 
_ndb_struct_na_base_pair.stretch 
_ndb_struct_na_base_pair.stagger 
_ndb_struct_na_base_pair.buckle 
_ndb_struct_na_base_pair.propeller 
_ndb_struct_na_base_pair.opening 
_ndb_struct_na_base_pair.pair_number 
_ndb_struct_na_base_pair.pair_name 
_ndb_struct_na_base_pair.i_auth_asym_id 
_ndb_struct_na_base_pair.i_auth_seq_id 
_ndb_struct_na_base_pair.i_PDB_ins_code 
_ndb_struct_na_base_pair.j_auth_asym_id 
_ndb_struct_na_base_pair.j_auth_seq_id 
_ndb_struct_na_base_pair.j_PDB_ins_code 
_ndb_struct_na_base_pair.hbond_type_28 
_ndb_struct_na_base_pair.hbond_type_12 
1 A DC 1 1_555 A DG 6 8_665 0.211  -0.123 -0.021 8.887   1.882  -0.597 1 A_DC1:DG6_A A 1 ? A 6 ? 19 1 
1 A G  2 1_555 A DC 5 8_665 -0.201 0.013  -0.430 -20.355 4.981  2.014  2 A_G2:DC5_A  A 2 ? A 5 ? 19 1 
1 A DA 3 1_555 A DT 4 8_665 0.012  -0.130 0.029  -9.746  -1.771 1.760  3 A_DA3:DT4_A A 3 ? A 4 ? 20 1 
1 A DT 4 1_555 A DA 3 8_665 -0.012 -0.130 0.029  9.746   -1.771 1.760  4 A_DT4:DA3_A A 4 ? A 3 ? 20 1 
1 A DC 5 1_555 A G  2 8_665 0.201  0.013  -0.430 20.355  4.981  2.014  5 A_DC5:G2_A  A 5 ? A 2 ? 19 1 
1 A DG 6 1_555 A DC 1 8_665 -0.211 -0.123 -0.021 -8.887  1.882  -0.597 6 A_DG6:DC1_A A 6 ? A 1 ? 19 1 
# 
loop_
_ndb_struct_na_base_pair_step.model_number 
_ndb_struct_na_base_pair_step.i_label_asym_id_1 
_ndb_struct_na_base_pair_step.i_label_comp_id_1 
_ndb_struct_na_base_pair_step.i_label_seq_id_1 
_ndb_struct_na_base_pair_step.i_symmetry_1 
_ndb_struct_na_base_pair_step.j_label_asym_id_1 
_ndb_struct_na_base_pair_step.j_label_comp_id_1 
_ndb_struct_na_base_pair_step.j_label_seq_id_1 
_ndb_struct_na_base_pair_step.j_symmetry_1 
_ndb_struct_na_base_pair_step.i_label_asym_id_2 
_ndb_struct_na_base_pair_step.i_label_comp_id_2 
_ndb_struct_na_base_pair_step.i_label_seq_id_2 
_ndb_struct_na_base_pair_step.i_symmetry_2 
_ndb_struct_na_base_pair_step.j_label_asym_id_2 
_ndb_struct_na_base_pair_step.j_label_comp_id_2 
_ndb_struct_na_base_pair_step.j_label_seq_id_2 
_ndb_struct_na_base_pair_step.j_symmetry_2 
_ndb_struct_na_base_pair_step.shift 
_ndb_struct_na_base_pair_step.slide 
_ndb_struct_na_base_pair_step.rise 
_ndb_struct_na_base_pair_step.tilt 
_ndb_struct_na_base_pair_step.roll 
_ndb_struct_na_base_pair_step.twist 
_ndb_struct_na_base_pair_step.x_displacement 
_ndb_struct_na_base_pair_step.y_displacement 
_ndb_struct_na_base_pair_step.helical_rise 
_ndb_struct_na_base_pair_step.inclination 
_ndb_struct_na_base_pair_step.tip 
_ndb_struct_na_base_pair_step.helical_twist 
_ndb_struct_na_base_pair_step.step_number 
_ndb_struct_na_base_pair_step.step_name 
_ndb_struct_na_base_pair_step.i_auth_asym_id_1 
_ndb_struct_na_base_pair_step.i_auth_seq_id_1 
_ndb_struct_na_base_pair_step.i_PDB_ins_code_1 
_ndb_struct_na_base_pair_step.j_auth_asym_id_1 
_ndb_struct_na_base_pair_step.j_auth_seq_id_1 
_ndb_struct_na_base_pair_step.j_PDB_ins_code_1 
_ndb_struct_na_base_pair_step.i_auth_asym_id_2 
_ndb_struct_na_base_pair_step.i_auth_seq_id_2 
_ndb_struct_na_base_pair_step.i_PDB_ins_code_2 
_ndb_struct_na_base_pair_step.j_auth_asym_id_2 
_ndb_struct_na_base_pair_step.j_auth_seq_id_2 
_ndb_struct_na_base_pair_step.j_PDB_ins_code_2 
1 A DC 1 1_555 A DG 6 8_665 A G  2 1_555 A DC 5 8_665 1.366  1.166  7.200 1.577  -4.423 33.587 3.555  -1.788 7.048 -7.608 -2.713 
33.904 1 AA_DC1G2:DC5DG6_AA  A 1 ? A 6 ? A 2 ? A 5 ? 
1 A G  2 1_555 A DC 5 8_665 A DA 3 1_555 A DT 4 8_665 -1.363 0.369  3.180 -4.255 0.382  31.959 0.597  1.697  3.333 0.691  7.686  
32.236 2 AA_G2DA3:DT4DC5_AA  A 2 ? A 5 ? A 3 ? A 4 ? 
1 A DA 3 1_555 A DT 4 8_665 A DT 4 1_555 A DA 3 8_665 0.000  -0.595 2.974 0.000  4.041  32.292 -1.697 0.000  2.880 7.230  0.000  
32.537 3 AA_DA3DT4:DA3DT4_AA A 3 ? A 4 ? A 4 ? A 3 ? 
1 A DT 4 1_555 A DA 3 8_665 A DC 5 1_555 A G  2 8_665 1.363  0.369  3.180 4.256  0.382  31.959 0.597  -1.697 3.333 0.690  -7.686 
32.236 4 AA_DT4DC5:G2DA3_AA  A 4 ? A 3 ? A 5 ? A 2 ? 
1 A DC 5 1_555 A G  2 8_665 A DG 6 1_555 A DC 1 8_665 -1.366 1.166  7.200 -1.577 -4.423 33.587 3.555  1.788  7.048 -7.608 2.713  
33.904 5 AA_DC5DG6:DC1G2_AA  A 5 ? A 2 ? A 6 ? A 1 ? 
# 
_atom_sites.entry_id                    1JO2 
_atom_sites.fract_transf_matrix[1][1]   -0.00539491 
_atom_sites.fract_transf_matrix[1][2]   0.03310740 
_atom_sites.fract_transf_matrix[1][3]   0.01207430 
_atom_sites.fract_transf_matrix[2][1]   -0.00914410 
_atom_sites.fract_transf_matrix[2][2]   -0.01311172 
_atom_sites.fract_transf_matrix[2][3]   0.03186631 
_atom_sites.fract_transf_matrix[3][1]   0.01795750 
_atom_sites.fract_transf_matrix[3][2]   0.00091032 
_atom_sites.fract_transf_matrix[3][3]   0.00552750 
_atom_sites.fract_transf_vector[1]      0.595114 
_atom_sites.fract_transf_vector[2]      0.548632 
_atom_sites.fract_transf_vector[3]      0.284332 
# 
loop_
_atom_type.symbol 
C 
N 
O 
P 
# 
loop_
_atom_site.group_PDB 
_atom_site.id 
_atom_site.type_symbol 
_atom_site.label_atom_id 
_atom_site.label_alt_id 
_atom_site.label_comp_id 
_atom_site.label_asym_id 
_atom_site.label_entity_id 
_atom_site.label_seq_id 
_atom_site.pdbx_PDB_ins_code 
_atom_site.Cartn_x 
_atom_site.Cartn_y 
_atom_site.Cartn_z 
_atom_site.occupancy 
_atom_site.B_iso_or_equiv 
_atom_site.pdbx_formal_charge 
_atom_site.auth_seq_id 
_atom_site.auth_comp_id 
_atom_site.auth_asym_id 
_atom_site.auth_atom_id 
_atom_site.pdbx_PDB_model_num 
ATOM   1   O "O5'" . DC  A 1 1 ? 7.255   -8.116  4.052   1.00 19.29 ? 1   DC  A "O5'" 1 
ATOM   2   C "C5'" . DC  A 1 1 ? 7.832   -8.129  5.325   1.00 18.50 ? 1   DC  A "C5'" 1 
ATOM   3   C "C4'" . DC  A 1 1 ? 8.041   -6.744  5.876   1.00 18.33 ? 1   DC  A "C4'" 1 
ATOM   4   O "O4'" . DC  A 1 1 ? 9.118   -6.077  5.177   1.00 17.83 ? 1   DC  A "O4'" 1 
ATOM   5   C "C3'" . DC  A 1 1 ? 6.829   -5.822  5.779   1.00 18.32 ? 1   DC  A "C3'" 1 
ATOM   6   O "O3'" . DC  A 1 1 ? 6.809   -4.980  6.922   1.00 19.02 ? 1   DC  A "O3'" 1 
ATOM   7   C "C2'" . DC  A 1 1 ? 7.129   -4.983  4.549   1.00 17.76 ? 1   DC  A "C2'" 1 
ATOM   8   C "C1'" . DC  A 1 1 ? 8.639   -4.850  4.607   1.00 17.27 ? 1   DC  A "C1'" 1 
ATOM   9   N N1    . DC  A 1 1 ? 9.214   -4.733  3.272   1.00 16.52 ? 1   DC  A N1    1 
ATOM   10  C C2    . DC  A 1 1 ? 9.466   -3.452  2.756   1.00 16.17 ? 1   DC  A C2    1 
ATOM   11  O O2    . DC  A 1 1 ? 9.239   -2.458  3.473   1.00 15.99 ? 1   DC  A O2    1 
ATOM   12  N N3    . DC  A 1 1 ? 9.937   -3.337  1.513   1.00 15.96 ? 1   DC  A N3    1 
ATOM   13  C C4    . DC  A 1 1 ? 10.175  -4.422  0.778   1.00 16.01 ? 1   DC  A C4    1 
ATOM   14  N N4    . DC  A 1 1 ? 10.625  -4.254  -0.462  1.00 15.82 ? 1   DC  A N4    1 
ATOM   15  C C5    . DC  A 1 1 ? 9.955   -5.741  1.288   1.00 16.06 ? 1   DC  A C5    1 
ATOM   16  C C6    . DC  A 1 1 ? 9.478   -5.844  2.521   1.00 16.28 ? 1   DC  A C6    1 
ATOM   17  P P     . G   A 1 2 ? 5.527   -4.957  7.863   1.00 19.61 ? 2   G   A P     1 
ATOM   18  O OP1   . G   A 1 2 ? 5.943   -4.233  9.088   1.00 19.75 ? 2   G   A OP1   1 
ATOM   19  O OP2   . G   A 1 2 ? 4.971   -6.324  7.946   1.00 19.97 ? 2   G   A OP2   1 
ATOM   20  O "O5'" . G   A 1 2 ? 4.472   -4.042  7.093   1.00 19.81 ? 2   G   A "O5'" 1 
ATOM   21  C "C5'" . G   A 1 2 ? 4.657   -2.630  6.927   1.00 19.94 ? 2   G   A "C5'" 1 
ATOM   22  C "C4'" . G   A 1 2 ? 3.660   -2.147  5.913   1.00 20.14 ? 2   G   A "C4'" 1 
ATOM   23  O "O4'" . G   A 1 2 ? 4.028   -2.628  4.621   1.00 19.64 ? 2   G   A "O4'" 1 
ATOM   24  C "C3'" . G   A 1 2 ? 2.241   -2.655  6.201   1.00 20.46 ? 2   G   A "C3'" 1 
ATOM   25  O "O3'" . G   A 1 2 ? 1.474   -1.475  5.996   1.00 21.50 ? 2   G   A "O3'" 1 
ATOM   26  C "C2'" . G   A 1 2 ? 1.913   -3.565  5.015   1.00 19.89 ? 2   G   A "C2'" 1 
ATOM   27  O "O2'" . G   A 1 2 ? 0.595   -3.577  4.531   1.00 20.72 ? 2   G   A "O2'" 1 
ATOM   28  C "C1'" . G   A 1 2 ? 2.859   -3.001  3.959   1.00 19.25 ? 2   G   A "C1'" 1 
ATOM   29  N N9    . G   A 1 2 ? 3.170   -3.807  2.796   1.00 18.31 ? 2   G   A N9    1 
ATOM   30  C C8    . G   A 1 2 ? 3.321   -5.171  2.694   1.00 18.09 ? 2   G   A C8    1 
ATOM   31  N N7    . G   A 1 2 ? 3.535   -5.566  1.468   1.00 17.86 ? 2   G   A N7    1 
ATOM   32  C C5    . G   A 1 2 ? 3.516   -4.384  0.726   1.00 17.61 ? 2   G   A C5    1 
ATOM   33  C C6    . G   A 1 2 ? 3.676   -4.166  -0.662  1.00 17.40 ? 2   G   A C6    1 
ATOM   34  O O6    . G   A 1 2 ? 3.835   -5.001  -1.553  1.00 17.22 ? 2   G   A O6    1 
ATOM   35  N N1    . G   A 1 2 ? 3.641   -2.799  -0.977  1.00 17.25 ? 2   G   A N1    1 
ATOM   36  C C2    . G   A 1 2 ? 3.491   -1.780  -0.064  1.00 17.26 ? 2   G   A C2    1 
ATOM   37  N N2    . G   A 1 2 ? 3.577   -0.520  -0.533  1.00 17.11 ? 2   G   A N2    1 
ATOM   38  N N3    . G   A 1 2 ? 3.305   -1.972  1.222   1.00 17.39 ? 2   G   A N3    1 
ATOM   39  C C4    . G   A 1 2 ? 3.331   -3.297  1.544   1.00 17.81 ? 2   G   A C4    1 
ATOM   40  P P     . DA  A 1 3 ? 0.270   -1.077  6.949   1.00 22.35 ? 3   DA  A P     1 
ATOM   41  O OP1   . DA  A 1 3 ? 0.866   -0.606  8.202   1.00 22.48 ? 3   DA  A OP1   1 
ATOM   42  O OP2   . DA  A 1 3 ? -0.798  -2.094  6.960   1.00 22.57 ? 3   DA  A OP2   1 
ATOM   43  O "O5'" . DA  A 1 3 ? -0.263  0.214   6.212   1.00 21.47 ? 3   DA  A "O5'" 1 
ATOM   44  C "C5'" . DA  A 1 3 ? 0.553   1.368   6.194   1.00 20.06 ? 3   DA  A "C5'" 1 
ATOM   45  C "C4'" . DA  A 1 3 ? 0.365   2.103   4.897   1.00 19.14 ? 3   DA  A "C4'" 1 
ATOM   46  O "O4'" . DA  A 1 3 ? 0.876   1.315   3.796   1.00 18.37 ? 3   DA  A "O4'" 1 
ATOM   47  C "C3'" . DA  A 1 3 ? -1.096  2.403   4.582   1.00 18.89 ? 3   DA  A "C3'" 1 
ATOM   48  O "O3'" . DA  A 1 3 ? -1.213  3.759   4.230   1.00 19.26 ? 3   DA  A "O3'" 1 
ATOM   49  C "C2'" . DA  A 1 3 ? -1.422  1.511   3.399   1.00 18.30 ? 3   DA  A "C2'" 1 
ATOM   50  C "C1'" . DA  A 1 3 ? -0.065  1.325   2.734   1.00 17.80 ? 3   DA  A "C1'" 1 
ATOM   51  N N9    . DA  A 1 3 ? -0.001  0.032   2.053   1.00 16.89 ? 3   DA  A N9    1 
ATOM   52  C C8    . DA  A 1 3 ? -0.137  -1.212  2.610   1.00 16.68 ? 3   DA  A C8    1 
ATOM   53  N N7    . DA  A 1 3 ? -0.103  -2.183  1.736   1.00 16.44 ? 3   DA  A N7    1 
ATOM   54  C C5    . DA  A 1 3 ? 0.102   -1.539  0.529   1.00 16.26 ? 3   DA  A C5    1 
ATOM   55  C C6    . DA  A 1 3 ? 0.252   -2.036  -0.778  1.00 16.03 ? 3   DA  A C6    1 
ATOM   56  N N6    . DA  A 1 3 ? 0.265   -3.337  -1.050  1.00 15.67 ? 3   DA  A N6    1 
ATOM   57  N N1    . DA  A 1 3 ? 0.405   -1.143  -1.776  1.00 15.91 ? 3   DA  A N1    1 
ATOM   58  C C2    . DA  A 1 3 ? 0.433   0.161   -1.469  1.00 16.06 ? 3   DA  A C2    1 
ATOM   59  N N3    . DA  A 1 3 ? 0.334   0.747   -0.263  1.00 16.19 ? 3   DA  A N3    1 
ATOM   60  C C4    . DA  A 1 3 ? 0.162   -0.179  0.699   1.00 16.43 ? 3   DA  A C4    1 
ATOM   61  P P     . DT  A 1 4 ? -2.663  4.404   4.033   1.00 19.68 ? 4   DT  A P     1 
ATOM   62  O OP1   . DT  A 1 4 ? -2.504  5.815   4.464   1.00 20.01 ? 4   DT  A OP1   1 
ATOM   63  O OP2   . DT  A 1 4 ? -3.736  3.574   4.540   1.00 19.75 ? 4   DT  A OP2   1 
ATOM   64  O "O5'" . DT  A 1 4 ? -2.855  4.368   2.461   1.00 19.10 ? 4   DT  A "O5'" 1 
ATOM   65  C "C5'" . DT  A 1 4 ? -2.046  5.170   1.646   1.00 18.26 ? 4   DT  A "C5'" 1 
ATOM   66  C "C4'" . DT  A 1 4 ? -2.476  5.033   0.209   1.00 17.60 ? 4   DT  A "C4'" 1 
ATOM   67  O "O4'" . DT  A 1 4 ? -2.235  3.678   -0.214  1.00 16.93 ? 4   DT  A "O4'" 1 
ATOM   68  C "C3'" . DT  A 1 4 ? -3.947  5.329   -0.076  1.00 17.57 ? 4   DT  A "C3'" 1 
ATOM   69  O "O3'" . DT  A 1 4 ? -3.989  6.243   -1.172  1.00 18.24 ? 4   DT  A "O3'" 1 
ATOM   70  C "C2'" . DT  A 1 4 ? -4.534  3.970   -0.467  1.00 16.84 ? 4   DT  A "C2'" 1 
ATOM   71  C "C1'" . DT  A 1 4 ? -3.317  3.214   -0.988  1.00 16.32 ? 4   DT  A "C1'" 1 
ATOM   72  N N1    . DT  A 1 4 ? -3.328  1.745   -0.859  1.00 15.62 ? 4   DT  A N1    1 
ATOM   73  C C2    . DT  A 1 4 ? -2.991  0.988   -1.968  1.00 15.32 ? 4   DT  A C2    1 
ATOM   74  O O2    . DT  A 1 4 ? -2.740  1.481   -3.051  1.00 15.41 ? 4   DT  A O2    1 
ATOM   75  N N3    . DT  A 1 4 ? -2.940  -0.359  -1.750  1.00 14.93 ? 4   DT  A N3    1 
ATOM   76  C C4    . DT  A 1 4 ? -3.192  -1.019  -0.565  1.00 15.04 ? 4   DT  A C4    1 
ATOM   77  O O4    . DT  A 1 4 ? -3.126  -2.229  -0.514  1.00 14.70 ? 4   DT  A O4    1 
ATOM   78  C C5    . DT  A 1 4 ? -3.543  -0.177  0.548   1.00 15.03 ? 4   DT  A C5    1 
ATOM   79  C C7    . DT  A 1 4 ? -3.816  -0.814  1.874   1.00 15.14 ? 4   DT  A C7    1 
ATOM   80  C C6    . DT  A 1 4 ? -3.612  1.142   0.351   1.00 15.24 ? 4   DT  A C6    1 
ATOM   81  P P     . DC  A 1 5 ? -5.312  7.088   -1.452  1.00 18.67 ? 5   DC  A P     1 
ATOM   82  O OP1   . DC  A 1 5 ? -4.905  8.276   -2.259  1.00 19.16 ? 5   DC  A OP1   1 
ATOM   83  O OP2   . DC  A 1 5 ? -6.141  7.263   -0.264  1.00 18.98 ? 5   DC  A OP2   1 
ATOM   84  O "O5'" . DC  A 1 5 ? -6.121  6.144   -2.452  1.00 18.72 ? 5   DC  A "O5'" 1 
ATOM   85  C "C5'" . DC  A 1 5 ? -5.622  5.905   -3.740  1.00 18.14 ? 5   DC  A "C5'" 1 
ATOM   86  C "C4'" . DC  A 1 5 ? -6.399  4.784   -4.380  1.00 18.14 ? 5   DC  A "C4'" 1 
ATOM   87  O "O4'" . DC  A 1 5 ? -6.004  3.536   -3.772  1.00 17.80 ? 5   DC  A "O4'" 1 
ATOM   88  C "C3'" . DC  A 1 5 ? -7.915  4.885   -4.205  1.00 18.14 ? 5   DC  A "C3'" 1 
ATOM   89  O "O3'" . DC  A 1 5 ? -8.529  4.526   -5.439  1.00 18.47 ? 5   DC  A "O3'" 1 
ATOM   90  C "C2'" . DC  A 1 5 ? -8.235  3.796   -3.190  1.00 17.81 ? 5   DC  A "C2'" 1 
ATOM   91  C "C1'" . DC  A 1 5 ? -7.174  2.785   -3.552  1.00 17.60 ? 5   DC  A "C1'" 1 
ATOM   92  N N1    . DC  A 1 5 ? -6.884  1.730   -2.571  1.00 17.16 ? 5   DC  A N1    1 
ATOM   93  C C2    . DC  A 1 5 ? -6.349  0.543   -3.052  1.00 17.06 ? 5   DC  A C2    1 
ATOM   94  O O2    . DC  A 1 5 ? -5.966  0.499   -4.213  1.00 16.78 ? 5   DC  A O2    1 
ATOM   95  N N3    . DC  A 1 5 ? -6.250  -0.516  -2.239  1.00 16.90 ? 5   DC  A N3    1 
ATOM   96  C C4    . DC  A 1 5 ? -6.619  -0.408  -0.960  1.00 16.97 ? 5   DC  A C4    1 
ATOM   97  N N4    . DC  A 1 5 ? -6.585  -1.513  -0.211  1.00 16.74 ? 5   DC  A N4    1 
ATOM   98  C C5    . DC  A 1 5 ? -7.063  0.832   -0.407  1.00 17.01 ? 5   DC  A C5    1 
ATOM   99  C C6    . DC  A 1 5 ? -7.185  1.868   -1.246  1.00 17.22 ? 5   DC  A C6    1 
ATOM   100 P P     . DG  A 1 6 ? -9.286  5.641   -6.297  1.00 18.92 ? 6   DG  A P     1 
ATOM   101 O OP1   . DG  A 1 6 ? -8.260  6.683   -6.620  1.00 19.01 ? 6   DG  A OP1   1 
ATOM   102 O OP2   . DG  A 1 6 ? -10.520 6.028   -5.608  1.00 18.80 ? 6   DG  A OP2   1 
ATOM   103 O "O5'" . DG  A 1 6 ? -9.642  4.877   -7.649  1.00 18.08 ? 6   DG  A "O5'" 1 
ATOM   104 C "C5'" . DG  A 1 6 ? -8.627  4.402   -8.529  1.00 17.14 ? 6   DG  A "C5'" 1 
ATOM   105 C "C4'" . DG  A 1 6 ? -9.236  3.622   -9.670  1.00 16.36 ? 6   DG  A "C4'" 1 
ATOM   106 O "O4'" . DG  A 1 6 ? -9.745  2.362   -9.189  1.00 15.87 ? 6   DG  A "O4'" 1 
ATOM   107 C "C3'" . DG  A 1 6 ? -10.407 4.280   -10.395 1.00 15.84 ? 6   DG  A "C3'" 1 
ATOM   108 O "O3'" . DG  A 1 6 ? -10.379 3.812   -11.735 1.00 15.68 ? 6   DG  A "O3'" 1 
ATOM   109 C "C2'" . DG  A 1 6 ? -11.621 3.711   -9.679  1.00 15.57 ? 6   DG  A "C2'" 1 
ATOM   110 C "C1'" . DG  A 1 6 ? -11.160 2.302   -9.292  1.00 15.45 ? 6   DG  A "C1'" 1 
ATOM   111 N N9    . DG  A 1 6 ? -11.655 1.817   -8.004  1.00 15.02 ? 6   DG  A N9    1 
ATOM   112 C C8    . DG  A 1 6 ? -12.001 2.547   -6.898  1.00 14.92 ? 6   DG  A C8    1 
ATOM   113 N N7    . DG  A 1 6 ? -12.323 1.799   -5.869  1.00 14.95 ? 6   DG  A N7    1 
ATOM   114 C C5    . DG  A 1 6 ? -12.202 0.497   -6.347  1.00 14.67 ? 6   DG  A C5    1 
ATOM   115 C C6    . DG  A 1 6 ? -12.396 -0.755  -5.682  1.00 14.62 ? 6   DG  A C6    1 
ATOM   116 O O6    . DG  A 1 6 ? -12.710 -0.956  -4.497  1.00 14.61 ? 6   DG  A O6    1 
ATOM   117 N N1    . DG  A 1 6 ? -12.150 -1.828  -6.540  1.00 14.46 ? 6   DG  A N1    1 
ATOM   118 C C2    . DG  A 1 6 ? -11.748 -1.713  -7.855  1.00 14.53 ? 6   DG  A C2    1 
ATOM   119 N N2    . DG  A 1 6 ? -11.535 -2.842  -8.531  1.00 14.39 ? 6   DG  A N2    1 
ATOM   120 N N3    . DG  A 1 6 ? -11.560 -0.557  -8.471  1.00 14.45 ? 6   DG  A N3    1 
ATOM   121 C C4    . DG  A 1 6 ? -11.807 0.493   -7.659  1.00 14.77 ? 6   DG  A C4    1 
HETATM 122 C C1    . DM1 B 2 . ? 7.891   -5.389  -2.928  1.00 16.80 ? 7   DM1 A C1    1 
HETATM 123 C C2    . DM1 B 2 . ? 8.299   -5.602  -4.261  1.00 16.90 ? 7   DM1 A C2    1 
HETATM 124 C C3    . DM1 B 2 . ? 8.569   -4.515  -5.118  1.00 17.01 ? 7   DM1 A C3    1 
HETATM 125 C C4    . DM1 B 2 . ? 8.425   -3.168  -4.658  1.00 16.74 ? 7   DM1 A C4    1 
HETATM 126 O O4    . DM1 B 2 . ? 8.681   -2.086  -5.479  1.00 17.01 ? 7   DM1 A O4    1 
HETATM 127 C C5    . DM1 B 2 . ? 7.999   -2.938  -3.302  1.00 16.58 ? 7   DM1 A C5    1 
HETATM 128 C C6    . DM1 B 2 . ? 7.831   -1.639  -2.803  1.00 16.41 ? 7   DM1 A C6    1 
HETATM 129 O O6    . DM1 B 2 . ? 8.084   -0.574  -3.591  1.00 16.17 ? 7   DM1 A O6    1 
HETATM 130 C C7    . DM1 B 2 . ? 7.398   -1.367  -1.459  1.00 16.29 ? 7   DM1 A C7    1 
HETATM 131 C C8    . DM1 B 2 . ? 7.214   -0.049  -0.980  1.00 16.41 ? 7   DM1 A C8    1 
HETATM 132 O O8    . DM1 B 2 . ? 7.429   1.060   -1.765  1.00 16.10 ? 7   DM1 A O8    1 
HETATM 133 C C9    . DM1 B 2 . ? 6.783   0.158   0.383   1.00 16.51 ? 7   DM1 A C9    1 
HETATM 134 C C10   . DM1 B 2 . ? 6.587   1.586   0.832   1.00 16.87 ? 7   DM1 A C10   1 
HETATM 135 O O10   . DM1 B 2 . ? 5.423   1.996   -0.030  1.00 17.22 ? 7   DM1 A O10   1 
HETATM 136 C C11   . DM1 B 2 . ? 6.391   1.857   2.335   1.00 16.96 ? 7   DM1 A C11   1 
HETATM 137 C C12   . DM1 B 2 . ? 5.398   0.706   2.862   1.00 17.02 ? 7   DM1 A C12   1 
HETATM 138 O O12   . DM1 B 2 . ? 4.072   0.504   2.273   1.00 16.95 ? 7   DM1 A O12   1 
HETATM 139 C C13   . DM1 B 2 . ? 5.139   0.887   4.346   1.00 17.15 ? 7   DM1 A C13   1 
HETATM 140 O O13   . DM1 B 2 . ? 6.056   0.416   5.207   1.00 17.51 ? 7   DM1 A O13   1 
HETATM 141 C C14   . DM1 B 2 . ? 3.909   1.630   4.821   1.00 17.33 ? 7   DM1 A C14   1 
HETATM 142 C C15   . DM1 B 2 . ? 6.149   -0.684  2.673   1.00 16.75 ? 7   DM1 A C15   1 
HETATM 143 C C16   . DM1 B 2 . ? 6.559   -0.933  1.259   1.00 16.54 ? 7   DM1 A C16   1 
HETATM 144 C C17   . DM1 B 2 . ? 6.740   -2.266  0.766   1.00 16.36 ? 7   DM1 A C17   1 
HETATM 145 O O17   . DM1 B 2 . ? 6.513   -3.306  1.631   1.00 16.31 ? 7   DM1 A O17   1 
HETATM 146 C C18   . DM1 B 2 . ? 7.150   -2.496  -0.584  1.00 16.33 ? 7   DM1 A C18   1 
HETATM 147 C C19   . DM1 B 2 . ? 7.324   -3.841  -1.093  1.00 16.42 ? 7   DM1 A C19   1 
HETATM 148 O O19   . DM1 B 2 . ? 7.094   -4.850  -0.280  1.00 16.33 ? 7   DM1 A O19   1 
HETATM 149 C C20   . DM1 B 2 . ? 7.735   -4.037  -2.439  1.00 16.55 ? 7   DM1 A C20   1 
HETATM 150 C C21   . DM1 B 2 . ? 9.131   -2.209  -6.888  1.00 17.19 ? 7   DM1 A C21   1 
HETATM 151 C "C1'" . DM1 B 2 . ? 5.297   3.325   -0.551  1.00 17.73 ? 7   DM1 A "C1'" 1 
HETATM 152 C "C2'" . DM1 B 2 . ? 4.731   3.270   -2.042  1.00 17.90 ? 7   DM1 A "C2'" 1 
HETATM 153 C "C3'" . DM1 B 2 . ? 3.244   2.728   -1.952  1.00 18.15 ? 7   DM1 A "C3'" 1 
HETATM 154 N "N3'" . DM1 B 2 . ? 2.686   2.678   -3.366  1.00 18.14 ? 7   DM1 A "N3'" 1 
HETATM 155 C "C4'" . DM1 B 2 . ? 2.362   3.602   -1.025  1.00 18.19 ? 7   DM1 A "C4'" 1 
HETATM 156 O "O4'" . DM1 B 2 . ? 2.336   4.948   -1.697  1.00 18.51 ? 7   DM1 A "O4'" 1 
HETATM 157 C "C5'" . DM1 B 2 . ? 2.981   3.625   0.418   1.00 18.27 ? 7   DM1 A "C5'" 1 
HETATM 158 O "O5'" . DM1 B 2 . ? 4.434   4.124   0.367   1.00 18.07 ? 7   DM1 A "O5'" 1 
HETATM 159 C "C6'" . DM1 B 2 . ? 2.221   4.512   1.428   1.00 18.42 ? 7   DM1 A "C6'" 1 
HETATM 160 O O     . HOH C 3 . ? 8.580   -1.299  5.765   1.00 23.03 ? 101 HOH A O     1 
HETATM 161 O O     . HOH C 3 . ? -0.314  3.109   -3.256  1.00 22.47 ? 102 HOH A O     1 
HETATM 162 O O     . HOH C 3 . ? 3.173   -7.088  5.558   1.00 36.67 ? 103 HOH A O     1 
HETATM 163 O O     . HOH C 3 . ? -7.833  3.982   2.381   1.00 39.57 ? 104 HOH A O     1 
HETATM 164 O O     . HOH C 3 . ? -3.274  -4.266  1.074   1.00 29.80 ? 105 HOH A O     1 
HETATM 165 O O     . HOH C 3 . ? -0.544  -4.887  2.028   1.00 33.30 ? 106 HOH A O     1 
HETATM 166 O O     . HOH C 3 . ? 4.725   -8.685  4.229   1.00 45.79 ? 107 HOH A O     1 
HETATM 167 O O     . HOH C 3 . ? 4.729   -10.178 7.069   1.00 34.69 ? 108 HOH A O     1 
HETATM 168 O O     . HOH C 3 . ? 5.855   -8.774  8.847   1.00 38.23 ? 109 HOH A O     1 
HETATM 169 O O     . HOH C 3 . ? 0.067   6.506   -1.832  1.00 42.30 ? 110 HOH A O     1 
HETATM 170 O O     . HOH C 3 . ? 2.583   5.211   -4.897  1.00 29.05 ? 111 HOH A O     1 
HETATM 171 O O     . HOH C 3 . ? 9.093   1.845   4.944   1.00 36.28 ? 112 HOH A O     1 
HETATM 172 O O     . HOH C 3 . ? 10.566  -0.042  -4.971  1.00 25.91 ? 113 HOH A O     1 
HETATM 173 O O     . HOH C 3 . ? 12.989  -1.479  -6.525  1.00 50.73 ? 114 HOH A O     1 
HETATM 174 O O     . HOH C 3 . ? -11.621 5.149   -3.292  1.00 41.47 ? 115 HOH A O     1 
HETATM 175 O O     . HOH C 3 . ? 2.131   -7.878  0.849   1.00 53.28 ? 116 HOH A O     1 
HETATM 176 O O     . HOH C 3 . ? -3.151  -3.772  3.933   1.00 44.64 ? 117 HOH A O     1 
HETATM 177 O O     . HOH C 3 . ? -8.270  4.934   0.134   1.00 27.15 ? 118 HOH A O     1 
HETATM 178 O O     . HOH C 3 . ? -6.026  2.316   2.733   1.00 32.63 ? 119 HOH A O     1 
HETATM 179 O O     . HOH C 3 . ? -3.962  0.548   5.946   1.00 33.16 ? 120 HOH A O     1 
HETATM 180 O O     . HOH C 3 . ? -2.788  -1.516  5.258   1.00 37.53 ? 121 HOH A O     1 
HETATM 181 O O     . HOH C 3 . ? -7.603  -1.460  2.419   1.00 34.67 ? 122 HOH A O     1 
HETATM 182 O O     . HOH C 3 . ? 5.943   -7.497  0.719   1.00 43.31 ? 123 HOH A O     1 
HETATM 183 O O     . HOH C 3 . ? -3.952  8.421   2.932   1.00 58.00 ? 124 HOH A O     1 
HETATM 184 O O     . HOH C 3 . ? 3.156   0.349   8.610   1.00 40.58 ? 125 HOH A O     1 
HETATM 185 O O     . HOH C 3 . ? -10.889 5.690   -0.782  1.00 45.33 ? 127 HOH A O     1 
HETATM 186 O O     . HOH C 3 . ? -12.782 4.907   1.183   1.00 45.54 ? 128 HOH A O     1 
HETATM 187 O O     . HOH C 3 . ? -4.442  8.538   -6.212  1.00 46.92 ? 129 HOH A O     1 
HETATM 188 O O     . HOH C 3 . ? -7.169  8.932   -6.113  1.00 51.16 ? 130 HOH A O     1 
HETATM 189 O O     . HOH C 3 . ? -14.006 0.176   -2.209  1.00 34.29 ? 131 HOH A O     1 
HETATM 190 O O     . HOH C 3 . ? 0.983   -2.535  10.138  1.00 41.13 ? 132 HOH A O     1 
HETATM 191 O O     . HOH C 3 . ? -5.633  -4.146  3.388   1.00 54.13 ? 133 HOH A O     1 
HETATM 192 O O     . HOH C 3 . ? -6.608  8.045   2.254   1.00 52.77 ? 134 HOH A O     1 
HETATM 193 O O     . HOH C 3 . ? 6.032   5.819   2.103   1.00 47.50 ? 135 HOH A O     1 
HETATM 194 O O     . HOH C 3 . ? 2.533   7.953   -4.791  1.00 99.79 ? 136 HOH A O     1 
HETATM 195 O O     . HOH C 3 . ? 2.182   -7.114  -1.682  1.00 38.35 ? 137 HOH A O     1 
HETATM 196 O O     . HOH C 3 . ? 8.364   -9.253  1.986   1.00 42.72 ? 138 HOH A O     1 
HETATM 197 O O     . HOH C 3 . ? -9.672  1.404   -12.337 1.00 41.91 ? 139 HOH A O     1 
HETATM 198 O O     . HOH C 3 . ? 9.360   3.663   2.735   1.00 29.76 ? 140 HOH A O     1 
HETATM 199 O O     . HOH C 3 . ? 4.780   7.019   -1.198  1.00 36.36 ? 141 HOH A O     1 
# 
